data_2A61
#
_entry.id   2A61
#
_cell.length_a   49.290
_cell.length_b   50.380
_cell.length_c   127.560
_cell.angle_alpha   90.00
_cell.angle_beta   96.89
_cell.angle_gamma   90.00
#
_symmetry.space_group_name_H-M   'P 1 21 1'
#
loop_
_entity.id
_entity.type
_entity.pdbx_description
1 polymer 'transcriptional regulator Tm0710'
2 water water
#
_entity_poly.entity_id   1
_entity_poly.type   'polypeptide(L)'
_entity_poly.pdbx_seq_one_letter_code
;GSMKQPFERILREICFMVKVEGRKVLRDFGITPAQFDILQKIYFEGPKRPGELSVLLGVAKSTVTGLVKRLEADGYLTRT
PDPADRRAYFLVITRKGEEVIEKVIERRENFIEKITSDLGKEKSSKILDYLKELKGVMERNFSKQ
;
_entity_poly.pdbx_strand_id   A,B,C,D
#
# COMPACT_ATOMS: atom_id res chain seq x y z
N LYS A 4 0.54 8.76 8.91
CA LYS A 4 -0.35 9.68 8.10
C LYS A 4 -0.62 9.09 6.70
N GLN A 5 0.45 8.76 5.99
CA GLN A 5 0.33 8.07 4.73
C GLN A 5 -0.10 6.63 4.98
N PRO A 6 0.57 5.93 5.94
CA PRO A 6 0.14 4.55 6.23
C PRO A 6 -1.16 4.53 7.01
N PHE A 7 -1.38 5.53 7.87
CA PHE A 7 -2.67 5.74 8.54
C PHE A 7 -3.85 5.86 7.53
N GLU A 8 -3.71 6.72 6.52
CA GLU A 8 -4.70 6.89 5.45
C GLU A 8 -4.95 5.61 4.65
N ARG A 9 -3.87 4.92 4.28
CA ARG A 9 -4.00 3.70 3.48
C ARG A 9 -4.67 2.58 4.26
N ILE A 10 -4.36 2.51 5.55
CA ILE A 10 -4.94 1.44 6.38
C ILE A 10 -6.43 1.70 6.63
N LEU A 11 -6.80 2.94 6.95
CA LEU A 11 -8.25 3.25 7.03
C LEU A 11 -8.96 3.02 5.71
N ARG A 12 -8.32 3.36 4.58
CA ARG A 12 -8.93 3.10 3.28
C ARG A 12 -9.32 1.62 3.10
N GLU A 13 -8.40 0.73 3.47
CA GLU A 13 -8.65 -0.69 3.24
C GLU A 13 -9.70 -1.19 4.24
N ILE A 14 -9.68 -0.66 5.47
CA ILE A 14 -10.69 -1.05 6.47
C ILE A 14 -12.10 -0.68 5.99
N CYS A 15 -12.23 0.57 5.54
CA CYS A 15 -13.52 1.11 5.14
C CYS A 15 -14.04 0.40 3.89
N PHE A 16 -13.15 0.12 2.94
CA PHE A 16 -13.45 -0.66 1.72
C PHE A 16 -14.00 -2.03 2.09
N MET A 17 -13.34 -2.77 2.99
CA MET A 17 -13.77 -4.13 3.33
C MET A 17 -15.15 -4.16 3.99
N VAL A 18 -15.38 -3.24 4.92
CA VAL A 18 -16.69 -3.25 5.54
C VAL A 18 -17.76 -2.79 4.55
N LYS A 19 -17.43 -1.82 3.68
CA LYS A 19 -18.39 -1.35 2.66
C LYS A 19 -18.80 -2.51 1.74
N VAL A 20 -17.80 -3.24 1.22
CA VAL A 20 -18.03 -4.35 0.31
C VAL A 20 -18.79 -5.47 0.99
N GLU A 21 -18.40 -5.80 2.21
CA GLU A 21 -19.07 -6.86 2.95
C GLU A 21 -20.57 -6.60 3.18
N GLY A 22 -20.90 -5.40 3.63
CA GLY A 22 -22.26 -4.93 3.80
C GLY A 22 -23.06 -4.96 2.52
N ARG A 23 -22.46 -4.55 1.42
CA ARG A 23 -23.21 -4.46 0.11
C ARG A 23 -23.52 -5.79 -0.58
N LYS A 24 -22.97 -6.88 -0.03
CA LYS A 24 -23.21 -8.26 -0.51
C LYS A 24 -24.68 -8.65 -0.37
N VAL A 25 -25.38 -8.03 0.59
CA VAL A 25 -26.83 -8.25 0.71
C VAL A 25 -27.68 -7.66 -0.46
N LEU A 26 -27.16 -6.67 -1.17
CA LEU A 26 -27.87 -6.10 -2.29
C LEU A 26 -28.19 -7.11 -3.42
N ARG A 27 -27.39 -8.18 -3.49
CA ARG A 27 -27.60 -9.25 -4.43
C ARG A 27 -28.93 -9.94 -4.17
N ASP A 28 -29.28 -10.07 -2.89
CA ASP A 28 -30.51 -10.71 -2.49
C ASP A 28 -31.73 -9.91 -2.97
N PHE A 29 -31.58 -8.60 -3.19
CA PHE A 29 -32.69 -7.73 -3.57
C PHE A 29 -32.71 -7.37 -5.04
N GLY A 30 -31.61 -7.64 -5.74
CA GLY A 30 -31.42 -7.11 -7.08
C GLY A 30 -31.22 -5.61 -7.17
N ILE A 31 -30.74 -4.99 -6.06
CA ILE A 31 -30.51 -3.50 -6.03
C ILE A 31 -29.11 -3.14 -6.48
N THR A 32 -28.99 -2.22 -7.43
CA THR A 32 -27.67 -1.90 -7.96
C THR A 32 -26.97 -0.89 -7.01
N PRO A 33 -25.62 -0.77 -7.10
CA PRO A 33 -24.89 0.26 -6.30
C PRO A 33 -25.46 1.72 -6.35
N ALA A 34 -25.81 2.20 -7.55
CA ALA A 34 -26.36 3.52 -7.70
C ALA A 34 -27.75 3.60 -7.09
N GLN A 35 -28.55 2.54 -7.27
CA GLN A 35 -29.85 2.49 -6.61
C GLN A 35 -29.72 2.51 -5.08
N PHE A 36 -28.78 1.74 -4.55
CA PHE A 36 -28.56 1.74 -3.10
C PHE A 36 -28.09 3.10 -2.56
N ASP A 37 -27.23 3.77 -3.32
CA ASP A 37 -26.76 5.12 -2.96
C ASP A 37 -27.94 6.12 -2.85
N ILE A 38 -28.92 6.03 -3.74
CA ILE A 38 -30.17 6.80 -3.62
C ILE A 38 -30.93 6.41 -2.34
N LEU A 39 -31.07 5.12 -2.10
CA LEU A 39 -31.86 4.66 -0.94
C LEU A 39 -31.21 5.02 0.36
N GLN A 40 -29.89 4.84 0.46
CA GLN A 40 -29.19 5.17 1.70
C GLN A 40 -29.10 6.66 2.01
N LYS A 41 -28.99 7.48 0.97
CA LYS A 41 -29.07 8.93 1.11
C LYS A 41 -30.41 9.40 1.69
N ILE A 42 -31.50 8.85 1.18
CA ILE A 42 -32.83 9.21 1.65
C ILE A 42 -33.02 8.62 3.04
N TYR A 43 -32.48 7.42 3.27
CA TYR A 43 -32.61 6.78 4.56
C TYR A 43 -32.00 7.66 5.67
N PHE A 44 -30.86 8.25 5.37
CA PHE A 44 -30.15 9.04 6.37
C PHE A 44 -30.56 10.50 6.42
N GLU A 45 -30.86 11.10 5.26
CA GLU A 45 -31.14 12.54 5.20
C GLU A 45 -32.59 12.90 4.91
N GLY A 46 -33.41 11.89 4.62
CA GLY A 46 -34.80 12.13 4.31
C GLY A 46 -35.06 12.48 2.85
N PRO A 47 -36.25 13.04 2.57
CA PRO A 47 -36.83 13.29 1.25
C PRO A 47 -35.88 14.05 0.36
N LYS A 48 -35.76 13.60 -0.89
CA LYS A 48 -34.85 14.21 -1.82
C LYS A 48 -35.60 14.53 -3.11
N ARG A 49 -35.29 15.71 -3.67
CA ARG A 49 -35.82 16.07 -5.00
C ARG A 49 -35.02 15.28 -6.04
N PRO A 50 -35.63 15.05 -7.23
CA PRO A 50 -34.92 14.32 -8.28
C PRO A 50 -33.63 15.01 -8.71
N GLY A 51 -33.61 16.35 -8.80
CA GLY A 51 -32.38 17.12 -9.02
C GLY A 51 -31.28 16.91 -8.00
N GLU A 52 -31.63 16.80 -6.71
CA GLU A 52 -30.65 16.53 -5.64
C GLU A 52 -30.01 15.13 -5.76
N LEU A 53 -30.80 14.15 -6.17
CA LEU A 53 -30.28 12.79 -6.44
C LEU A 53 -29.30 12.79 -7.63
N SER A 54 -29.61 13.58 -8.66
CA SER A 54 -28.74 13.75 -9.82
C SER A 54 -27.34 14.34 -9.43
N VAL A 55 -27.38 15.35 -8.55
CA VAL A 55 -26.15 16.01 -8.05
C VAL A 55 -25.36 15.04 -7.17
N LEU A 56 -26.07 14.32 -6.29
CA LEU A 56 -25.47 13.32 -5.41
C LEU A 56 -24.72 12.22 -6.15
N LEU A 57 -25.42 11.60 -7.11
CA LEU A 57 -24.79 10.53 -7.89
C LEU A 57 -23.78 11.05 -8.88
N GLY A 58 -24.03 12.25 -9.37
CA GLY A 58 -23.25 12.81 -10.50
C GLY A 58 -23.62 12.23 -11.85
N VAL A 59 -24.91 11.91 -12.00
CA VAL A 59 -25.45 11.42 -13.28
C VAL A 59 -26.61 12.32 -13.76
N ALA A 60 -26.85 12.32 -15.06
CA ALA A 60 -27.98 13.02 -15.69
C ALA A 60 -29.34 12.66 -15.07
N LYS A 61 -30.31 13.55 -15.25
CA LYS A 61 -31.64 13.37 -14.70
C LYS A 61 -32.31 12.11 -15.29
N SER A 62 -32.05 11.85 -16.58
CA SER A 62 -32.56 10.63 -17.26
C SER A 62 -32.14 9.36 -16.57
N THR A 63 -30.88 9.30 -16.12
CA THR A 63 -30.38 8.13 -15.41
C THR A 63 -31.12 7.97 -14.07
N VAL A 64 -31.20 9.07 -13.31
CA VAL A 64 -31.91 9.09 -12.04
C VAL A 64 -33.34 8.57 -12.23
N THR A 65 -34.03 9.07 -13.24
CA THR A 65 -35.39 8.67 -13.54
C THR A 65 -35.47 7.19 -13.69
N GLY A 66 -34.56 6.58 -14.45
CA GLY A 66 -34.56 5.11 -14.61
C GLY A 66 -34.35 4.32 -13.33
N LEU A 67 -33.37 4.78 -12.52
CA LEU A 67 -33.10 4.18 -11.24
C LEU A 67 -34.28 4.25 -10.25
N VAL A 68 -34.86 5.44 -10.11
CA VAL A 68 -35.97 5.72 -9.16
C VAL A 68 -37.25 4.97 -9.59
N LYS A 69 -37.54 4.97 -10.88
CA LYS A 69 -38.75 4.29 -11.43
C LYS A 69 -38.83 2.82 -11.03
N ARG A 70 -37.67 2.14 -11.08
CA ARG A 70 -37.58 0.73 -10.66
C ARG A 70 -37.74 0.61 -9.15
N LEU A 71 -37.12 1.50 -8.38
CA LEU A 71 -37.27 1.46 -6.93
C LEU A 71 -38.71 1.72 -6.49
N GLU A 72 -39.40 2.63 -7.16
CA GLU A 72 -40.83 2.93 -6.91
C GLU A 72 -41.70 1.72 -7.31
N ALA A 73 -41.48 1.19 -8.50
CA ALA A 73 -42.28 0.01 -8.95
C ALA A 73 -42.09 -1.18 -8.02
N ASP A 74 -40.85 -1.39 -7.55
CA ASP A 74 -40.56 -2.53 -6.64
C ASP A 74 -40.83 -2.28 -5.15
N GLY A 75 -41.33 -1.10 -4.79
CA GLY A 75 -41.78 -0.80 -3.43
C GLY A 75 -40.72 -0.30 -2.46
N TYR A 76 -39.55 0.12 -2.97
CA TYR A 76 -38.45 0.64 -2.10
C TYR A 76 -38.49 2.16 -1.81
N LEU A 77 -39.06 2.88 -2.78
CA LEU A 77 -39.29 4.31 -2.72
C LEU A 77 -40.76 4.62 -3.01
N THR A 78 -41.20 5.77 -2.54
CA THR A 78 -42.46 6.35 -2.99
C THR A 78 -42.21 7.84 -3.20
N ARG A 79 -43.29 8.62 -3.30
CA ARG A 79 -43.25 9.98 -3.76
C ARG A 79 -44.22 10.80 -2.88
N THR A 80 -43.91 12.07 -2.68
CA THR A 80 -44.81 13.02 -2.04
C THR A 80 -44.64 14.44 -2.67
N PRO A 81 -45.75 15.19 -2.82
CA PRO A 81 -45.61 16.51 -3.45
C PRO A 81 -44.83 17.49 -2.60
N ASP A 82 -44.28 18.48 -3.30
CA ASP A 82 -43.72 19.65 -2.65
C ASP A 82 -44.92 20.56 -2.32
N PRO A 83 -45.23 20.71 -1.02
CA PRO A 83 -46.38 21.52 -0.61
C PRO A 83 -46.26 23.02 -0.96
N ALA A 84 -45.07 23.48 -1.29
CA ALA A 84 -44.88 24.84 -1.78
C ALA A 84 -44.90 25.00 -3.32
N ASP A 85 -44.91 23.89 -4.08
CA ASP A 85 -44.82 23.96 -5.55
C ASP A 85 -45.51 22.72 -6.20
N ARG A 86 -46.69 22.94 -6.78
N ARG A 86 -46.68 22.94 -6.79
CA ARG A 86 -47.51 21.85 -7.32
CA ARG A 86 -47.52 21.87 -7.31
C ARG A 86 -46.78 21.03 -8.37
C ARG A 86 -46.91 21.15 -8.51
N ARG A 87 -45.77 21.63 -8.99
CA ARG A 87 -45.02 21.03 -10.11
C ARG A 87 -43.79 20.20 -9.68
N ALA A 88 -43.48 20.21 -8.40
CA ALA A 88 -42.30 19.53 -7.86
C ALA A 88 -42.72 18.40 -6.93
N TYR A 89 -41.83 17.44 -6.69
CA TYR A 89 -42.11 16.33 -5.76
C TYR A 89 -40.81 15.85 -5.08
N PHE A 90 -40.96 15.05 -4.04
CA PHE A 90 -39.83 14.48 -3.31
C PHE A 90 -39.95 12.97 -3.39
N LEU A 91 -38.79 12.29 -3.43
CA LEU A 91 -38.75 10.85 -3.24
C LEU A 91 -38.52 10.53 -1.77
N VAL A 92 -39.34 9.64 -1.25
CA VAL A 92 -39.24 9.22 0.14
C VAL A 92 -39.10 7.71 0.24
N ILE A 93 -38.56 7.21 1.34
CA ILE A 93 -38.29 5.79 1.46
C ILE A 93 -39.51 5.10 2.09
N THR A 94 -39.70 3.85 1.75
CA THR A 94 -40.76 3.03 2.35
C THR A 94 -40.15 2.13 3.44
N ARG A 95 -41.01 1.42 4.17
CA ARG A 95 -40.57 0.43 5.12
C ARG A 95 -39.68 -0.62 4.48
N LYS A 96 -40.11 -1.08 3.31
CA LYS A 96 -39.37 -2.07 2.56
C LYS A 96 -37.99 -1.55 2.18
N GLY A 97 -37.92 -0.29 1.77
CA GLY A 97 -36.63 0.39 1.49
C GLY A 97 -35.76 0.45 2.73
N GLU A 98 -36.36 0.71 3.91
CA GLU A 98 -35.60 0.77 5.16
C GLU A 98 -35.00 -0.58 5.50
N GLU A 99 -35.76 -1.65 5.28
CA GLU A 99 -35.30 -3.01 5.61
C GLU A 99 -34.02 -3.35 4.86
N VAL A 100 -33.87 -2.82 3.66
CA VAL A 100 -32.69 -3.05 2.84
C VAL A 100 -31.48 -2.43 3.60
N ILE A 101 -31.56 -1.13 3.96
CA ILE A 101 -30.47 -0.49 4.72
C ILE A 101 -30.19 -1.24 6.02
N GLU A 102 -31.27 -1.63 6.74
CA GLU A 102 -31.12 -2.39 7.99
C GLU A 102 -30.39 -3.72 7.81
N LYS A 103 -30.67 -4.42 6.71
CA LYS A 103 -29.95 -5.67 6.36
C LYS A 103 -28.48 -5.46 5.98
N VAL A 104 -28.19 -4.35 5.32
CA VAL A 104 -26.79 -3.96 5.08
C VAL A 104 -26.02 -3.75 6.44
N ILE A 105 -26.63 -2.98 7.33
CA ILE A 105 -26.05 -2.66 8.64
C ILE A 105 -25.87 -3.93 9.48
N GLU A 106 -26.91 -4.76 9.49
CA GLU A 106 -26.86 -6.05 10.14
C GLU A 106 -25.68 -6.90 9.63
N ARG A 107 -25.46 -6.97 8.32
CA ARG A 107 -24.35 -7.75 7.76
C ARG A 107 -22.99 -7.18 8.21
N ARG A 108 -22.91 -5.85 8.20
CA ARG A 108 -21.72 -5.17 8.73
C ARG A 108 -21.46 -5.45 10.22
N GLU A 109 -22.52 -5.38 11.04
CA GLU A 109 -22.43 -5.73 12.47
C GLU A 109 -21.92 -7.17 12.66
N ASN A 110 -22.45 -8.11 11.87
CA ASN A 110 -22.04 -9.52 11.95
C ASN A 110 -20.58 -9.71 11.53
N PHE A 111 -20.18 -9.00 10.48
CA PHE A 111 -18.79 -8.98 10.02
C PHE A 111 -17.87 -8.47 11.17
N ILE A 112 -18.26 -7.35 11.79
CA ILE A 112 -17.44 -6.73 12.85
C ILE A 112 -17.45 -7.60 14.12
N GLU A 113 -18.59 -8.27 14.39
CA GLU A 113 -18.67 -9.22 15.50
C GLU A 113 -17.64 -10.37 15.36
N LYS A 114 -17.42 -10.86 14.14
CA LYS A 114 -16.39 -11.90 13.93
C LYS A 114 -14.98 -11.35 14.18
N ILE A 115 -14.74 -10.11 13.74
N ILE A 115 -14.74 -10.12 13.73
CA ILE A 115 -13.46 -9.44 13.91
CA ILE A 115 -13.45 -9.46 13.88
C ILE A 115 -13.15 -9.23 15.39
C ILE A 115 -13.13 -9.14 15.36
N THR A 116 -14.12 -8.65 16.11
CA THR A 116 -13.94 -8.38 17.54
C THR A 116 -13.83 -9.69 18.35
N SER A 117 -14.48 -10.74 17.89
CA SER A 117 -14.30 -12.06 18.50
C SER A 117 -12.86 -12.59 18.33
N ASP A 118 -12.32 -12.48 17.12
CA ASP A 118 -10.92 -12.89 16.86
C ASP A 118 -9.90 -12.10 17.69
N LEU A 119 -10.14 -10.79 17.79
CA LEU A 119 -9.27 -9.90 18.55
C LEU A 119 -9.30 -10.18 20.05
N GLY A 120 -10.47 -10.58 20.54
CA GLY A 120 -10.66 -10.80 21.97
C GLY A 120 -11.24 -9.56 22.61
N LYS A 121 -11.90 -9.74 23.75
CA LYS A 121 -12.59 -8.68 24.45
C LYS A 121 -11.67 -7.50 24.83
N GLU A 122 -10.54 -7.81 25.48
CA GLU A 122 -9.58 -6.78 25.98
C GLU A 122 -9.04 -5.93 24.83
N LYS A 123 -8.56 -6.59 23.78
CA LYS A 123 -8.02 -5.84 22.64
C LYS A 123 -9.12 -5.05 21.88
N SER A 124 -10.29 -5.66 21.68
CA SER A 124 -11.42 -4.96 21.05
C SER A 124 -11.81 -3.68 21.79
N SER A 125 -11.82 -3.75 23.13
CA SER A 125 -12.10 -2.59 23.99
C SER A 125 -11.08 -1.48 23.81
N LYS A 126 -9.80 -1.85 23.81
CA LYS A 126 -8.72 -0.90 23.58
C LYS A 126 -8.91 -0.21 22.24
N ILE A 127 -9.18 -1.01 21.19
CA ILE A 127 -9.34 -0.51 19.83
C ILE A 127 -10.58 0.38 19.74
N LEU A 128 -11.66 -0.01 20.41
CA LEU A 128 -12.87 0.82 20.42
C LEU A 128 -12.61 2.19 21.08
N ASP A 129 -11.88 2.20 22.19
CA ASP A 129 -11.49 3.49 22.81
C ASP A 129 -10.67 4.35 21.87
N TYR A 130 -9.73 3.76 21.14
CA TYR A 130 -8.94 4.51 20.17
C TYR A 130 -9.78 5.08 19.05
N LEU A 131 -10.72 4.29 18.55
CA LEU A 131 -11.62 4.72 17.47
C LEU A 131 -12.55 5.84 17.94
N LYS A 132 -12.98 5.78 19.20
CA LYS A 132 -13.78 6.87 19.76
C LYS A 132 -12.95 8.18 19.81
N GLU A 133 -11.70 8.06 20.23
CA GLU A 133 -10.78 9.19 20.15
C GLU A 133 -10.57 9.72 18.75
N LEU A 134 -10.34 8.81 17.80
N LEU A 134 -10.34 8.81 17.80
CA LEU A 134 -10.16 9.22 16.40
CA LEU A 134 -10.19 9.18 16.40
C LEU A 134 -11.45 9.90 15.88
C LEU A 134 -11.45 9.91 15.91
N LYS A 135 -12.60 9.31 16.17
CA LYS A 135 -13.90 9.86 15.75
C LYS A 135 -14.10 11.30 16.29
N GLY A 136 -13.71 11.46 17.56
CA GLY A 136 -13.75 12.72 18.28
C GLY A 136 -12.90 13.80 17.63
N VAL A 137 -11.65 13.48 17.30
CA VAL A 137 -10.76 14.42 16.63
C VAL A 137 -11.24 14.73 15.22
N MET A 138 -11.78 13.73 14.52
CA MET A 138 -12.34 13.96 13.17
C MET A 138 -13.53 14.90 13.22
N GLU A 139 -14.43 14.68 14.16
CA GLU A 139 -15.59 15.57 14.37
C GLU A 139 -15.24 17.05 14.58
N ARG A 140 -14.17 17.26 15.32
CA ARG A 140 -13.64 18.57 15.68
C ARG A 140 -13.11 19.29 14.45
N ASN A 141 -12.71 18.53 13.42
CA ASN A 141 -12.09 19.09 12.18
C ASN A 141 -12.93 19.01 10.88
N PHE A 142 -14.10 18.38 10.96
CA PHE A 142 -14.91 18.07 9.80
C PHE A 142 -15.56 19.30 9.14
N SER A 143 -15.53 20.43 9.85
CA SER A 143 -16.15 21.66 9.29
C SER A 143 -15.26 22.42 8.27
N LYS A 144 -13.99 22.06 8.19
CA LYS A 144 -13.03 22.80 7.33
C LYS A 144 -13.37 22.67 5.86
N GLN A 145 -13.39 23.80 5.15
CA GLN A 145 -13.73 23.83 3.76
C GLN A 145 -12.52 23.72 2.86
N LYS B 4 -19.16 -5.34 17.02
CA LYS B 4 -20.51 -5.38 16.35
C LYS B 4 -21.20 -4.00 16.26
N GLN B 5 -21.83 -3.58 17.35
CA GLN B 5 -22.91 -2.56 17.32
C GLN B 5 -22.44 -1.12 17.43
N PRO B 6 -21.92 -0.72 18.64
CA PRO B 6 -21.33 0.61 18.68
C PRO B 6 -20.10 0.59 17.82
N PHE B 7 -19.32 -0.50 17.87
CA PHE B 7 -18.11 -0.68 17.06
C PHE B 7 -18.42 -0.41 15.58
N GLU B 8 -19.44 -1.06 15.02
CA GLU B 8 -19.79 -0.83 13.62
C GLU B 8 -20.17 0.64 13.37
N ARG B 9 -20.96 1.19 14.28
CA ARG B 9 -21.47 2.53 14.13
C ARG B 9 -20.34 3.57 14.20
N ILE B 10 -19.40 3.36 15.10
CA ILE B 10 -18.31 4.32 15.27
C ILE B 10 -17.38 4.23 14.06
N LEU B 11 -17.13 3.02 13.57
CA LEU B 11 -16.27 2.86 12.40
C LEU B 11 -16.98 3.40 11.14
N ARG B 12 -18.29 3.22 11.04
CA ARG B 12 -19.06 3.77 9.91
C ARG B 12 -18.92 5.30 9.86
N GLU B 13 -18.95 5.94 11.03
CA GLU B 13 -18.85 7.38 11.13
C GLU B 13 -17.46 7.86 10.73
N ILE B 14 -16.43 7.10 11.13
CA ILE B 14 -15.05 7.45 10.78
C ILE B 14 -14.91 7.36 9.25
N CYS B 15 -15.44 6.27 8.68
CA CYS B 15 -15.35 5.98 7.24
C CYS B 15 -16.10 7.07 6.44
N PHE B 16 -17.29 7.46 6.90
CA PHE B 16 -18.05 8.57 6.27
C PHE B 16 -17.28 9.90 6.25
N MET B 17 -16.71 10.27 7.39
CA MET B 17 -16.00 11.55 7.51
C MET B 17 -14.78 11.58 6.62
N VAL B 18 -13.99 10.49 6.60
CA VAL B 18 -12.76 10.48 5.77
C VAL B 18 -13.12 10.52 4.33
N LYS B 19 -14.18 9.81 3.95
CA LYS B 19 -14.63 9.82 2.57
C LYS B 19 -15.04 11.24 2.14
N VAL B 20 -15.90 11.86 2.94
CA VAL B 20 -16.42 13.19 2.56
C VAL B 20 -15.31 14.23 2.58
N GLU B 21 -14.42 14.12 3.56
CA GLU B 21 -13.30 15.06 3.67
C GLU B 21 -12.46 15.08 2.38
N GLY B 22 -12.04 13.88 1.93
CA GLY B 22 -11.24 13.79 0.70
C GLY B 22 -11.98 14.37 -0.51
N ARG B 23 -13.27 14.06 -0.60
CA ARG B 23 -14.07 14.49 -1.72
C ARG B 23 -14.38 16.00 -1.74
N LYS B 24 -14.00 16.73 -0.68
CA LYS B 24 -14.18 18.16 -0.74
C LYS B 24 -13.31 18.75 -1.84
N VAL B 25 -12.20 18.08 -2.19
CA VAL B 25 -11.31 18.59 -3.27
C VAL B 25 -11.96 18.59 -4.66
N LEU B 26 -12.96 17.76 -4.85
CA LEU B 26 -13.68 17.68 -6.12
C LEU B 26 -14.49 18.95 -6.43
N ARG B 27 -14.65 19.82 -5.43
CA ARG B 27 -15.32 21.11 -5.63
C ARG B 27 -14.49 21.97 -6.58
N ASP B 28 -13.17 21.75 -6.63
CA ASP B 28 -12.25 22.53 -7.48
C ASP B 28 -12.09 21.94 -8.89
N PHE B 29 -12.55 20.72 -9.08
CA PHE B 29 -12.31 20.01 -10.34
C PHE B 29 -13.51 19.96 -11.25
N GLY B 30 -14.71 19.94 -10.65
CA GLY B 30 -15.94 19.85 -11.39
C GLY B 30 -16.17 18.44 -11.94
N ILE B 31 -15.43 17.45 -11.42
CA ILE B 31 -15.65 16.03 -11.63
C ILE B 31 -16.78 15.61 -10.69
N THR B 32 -17.76 14.88 -11.23
CA THR B 32 -18.91 14.45 -10.46
C THR B 32 -18.55 13.20 -9.65
N PRO B 33 -19.38 12.87 -8.63
CA PRO B 33 -19.13 11.67 -7.82
C PRO B 33 -19.02 10.36 -8.64
N ALA B 34 -19.96 10.10 -9.56
CA ALA B 34 -19.84 8.94 -10.46
C ALA B 34 -18.57 8.94 -11.34
N GLN B 35 -18.18 10.12 -11.83
CA GLN B 35 -16.95 10.23 -12.60
C GLN B 35 -15.72 9.97 -11.75
N PHE B 36 -15.74 10.37 -10.49
CA PHE B 36 -14.61 10.12 -9.59
C PHE B 36 -14.49 8.63 -9.27
N ASP B 37 -15.66 7.97 -9.12
CA ASP B 37 -15.69 6.54 -8.85
C ASP B 37 -15.02 5.78 -10.00
N ILE B 38 -15.32 6.18 -11.22
CA ILE B 38 -14.66 5.60 -12.40
C ILE B 38 -13.11 5.81 -12.38
N LEU B 39 -12.70 7.05 -12.11
CA LEU B 39 -11.29 7.42 -12.07
C LEU B 39 -10.51 6.67 -11.01
N GLN B 40 -11.07 6.57 -9.79
CA GLN B 40 -10.34 5.90 -8.71
C GLN B 40 -10.26 4.39 -8.87
N LYS B 41 -11.20 3.80 -9.60
CA LYS B 41 -11.18 2.37 -9.86
C LYS B 41 -10.08 2.04 -10.88
N ILE B 42 -9.96 2.88 -11.90
CA ILE B 42 -8.88 2.73 -12.89
C ILE B 42 -7.53 3.01 -12.22
N TYR B 43 -7.47 4.08 -11.44
CA TYR B 43 -6.27 4.44 -10.68
C TYR B 43 -5.76 3.21 -9.89
N PHE B 44 -6.65 2.54 -9.17
CA PHE B 44 -6.26 1.46 -8.27
C PHE B 44 -6.07 0.04 -8.89
N GLU B 45 -6.73 -0.23 -10.02
CA GLU B 45 -6.78 -1.60 -10.59
C GLU B 45 -6.31 -1.69 -12.05
N GLY B 46 -6.02 -0.55 -12.64
CA GLY B 46 -5.46 -0.52 -13.99
C GLY B 46 -6.57 -0.25 -14.98
N PRO B 47 -6.26 -0.35 -16.29
CA PRO B 47 -7.19 -0.11 -17.37
C PRO B 47 -8.42 -1.03 -17.31
N LYS B 48 -9.60 -0.42 -17.45
CA LYS B 48 -10.86 -1.11 -17.28
CA LYS B 48 -10.85 -1.14 -17.29
C LYS B 48 -11.67 -1.10 -18.56
N ARG B 49 -12.42 -2.19 -18.78
CA ARG B 49 -13.36 -2.27 -19.86
C ARG B 49 -14.64 -1.56 -19.48
N PRO B 50 -15.39 -1.03 -20.48
CA PRO B 50 -16.62 -0.36 -20.12
C PRO B 50 -17.57 -1.19 -19.23
N GLY B 51 -17.72 -2.49 -19.47
CA GLY B 51 -18.60 -3.32 -18.62
C GLY B 51 -18.22 -3.40 -17.14
N GLU B 52 -16.91 -3.30 -16.83
CA GLU B 52 -16.45 -3.25 -15.47
C GLU B 52 -16.89 -1.95 -14.77
N LEU B 53 -16.97 -0.85 -15.50
CA LEU B 53 -17.50 0.41 -14.95
C LEU B 53 -19.01 0.39 -14.74
N SER B 54 -19.73 -0.35 -15.57
CA SER B 54 -21.19 -0.38 -15.43
C SER B 54 -21.56 -1.22 -14.20
N VAL B 55 -20.76 -2.25 -13.94
CA VAL B 55 -20.90 -3.08 -12.74
C VAL B 55 -20.57 -2.29 -11.48
N LEU B 56 -19.46 -1.58 -11.51
CA LEU B 56 -19.04 -0.69 -10.42
C LEU B 56 -20.16 0.30 -10.02
N LEU B 57 -20.70 0.99 -11.01
CA LEU B 57 -21.67 2.08 -10.75
C LEU B 57 -23.11 1.61 -10.57
N GLY B 58 -23.47 0.51 -11.25
CA GLY B 58 -24.83 -0.08 -11.18
C GLY B 58 -25.75 0.65 -12.12
N VAL B 59 -25.24 0.99 -13.30
CA VAL B 59 -25.99 1.79 -14.30
C VAL B 59 -25.86 1.14 -15.65
N ALA B 60 -26.68 1.60 -16.58
CA ALA B 60 -26.66 1.07 -17.95
C ALA B 60 -25.41 1.56 -18.66
N LYS B 61 -24.99 0.81 -19.68
CA LYS B 61 -23.86 1.17 -20.51
C LYS B 61 -23.99 2.60 -21.02
N SER B 62 -25.22 2.99 -21.43
CA SER B 62 -25.46 4.34 -21.95
C SER B 62 -25.04 5.45 -20.98
N THR B 63 -25.31 5.24 -19.69
CA THR B 63 -24.81 6.14 -18.63
C THR B 63 -23.28 6.14 -18.57
N VAL B 64 -22.67 4.96 -18.57
CA VAL B 64 -21.20 4.90 -18.54
C VAL B 64 -20.58 5.61 -19.74
N THR B 65 -21.14 5.33 -20.92
CA THR B 65 -20.69 5.96 -22.13
C THR B 65 -20.68 7.48 -22.07
N GLY B 66 -21.76 8.07 -21.55
CA GLY B 66 -21.85 9.55 -21.34
C GLY B 66 -20.78 10.07 -20.39
N LEU B 67 -20.61 9.38 -19.25
CA LEU B 67 -19.58 9.75 -18.21
C LEU B 67 -18.16 9.65 -18.71
N VAL B 68 -17.89 8.59 -19.48
CA VAL B 68 -16.58 8.34 -20.03
C VAL B 68 -16.23 9.30 -21.17
N LYS B 69 -17.21 9.56 -22.04
CA LYS B 69 -17.09 10.55 -23.11
C LYS B 69 -16.66 11.92 -22.56
N ARG B 70 -17.30 12.36 -21.48
N ARG B 70 -17.31 12.36 -21.49
CA ARG B 70 -16.98 13.60 -20.83
CA ARG B 70 -16.96 13.62 -20.85
C ARG B 70 -15.60 13.57 -20.15
C ARG B 70 -15.57 13.56 -20.18
N LEU B 71 -15.29 12.48 -19.46
CA LEU B 71 -13.94 12.31 -18.88
C LEU B 71 -12.82 12.30 -19.93
N GLU B 72 -13.07 11.67 -21.08
CA GLU B 72 -12.10 11.63 -22.18
C GLU B 72 -11.91 13.04 -22.76
N ALA B 73 -13.03 13.72 -22.97
CA ALA B 73 -13.02 15.08 -23.51
C ALA B 73 -12.29 16.05 -22.59
N ASP B 74 -12.36 15.82 -21.29
CA ASP B 74 -11.72 16.71 -20.30
C ASP B 74 -10.30 16.27 -19.89
N GLY B 75 -9.75 15.32 -20.64
CA GLY B 75 -8.36 14.87 -20.46
C GLY B 75 -8.06 13.98 -19.28
N TYR B 76 -9.08 13.37 -18.69
CA TYR B 76 -8.82 12.53 -17.50
C TYR B 76 -8.66 11.06 -17.85
N LEU B 77 -9.16 10.68 -19.02
CA LEU B 77 -9.09 9.29 -19.47
C LEU B 77 -8.69 9.23 -20.91
N THR B 78 -8.02 8.14 -21.24
CA THR B 78 -7.71 7.85 -22.61
C THR B 78 -8.06 6.37 -22.88
N ARG B 79 -7.96 5.96 -24.15
CA ARG B 79 -8.14 4.57 -24.55
C ARG B 79 -6.85 3.93 -25.03
N THR B 80 -6.74 2.62 -24.80
CA THR B 80 -5.70 1.78 -25.41
C THR B 80 -6.41 0.59 -26.08
N PRO B 81 -5.78 0.00 -27.12
CA PRO B 81 -6.33 -1.26 -27.63
C PRO B 81 -6.08 -2.40 -26.66
N ASP B 82 -6.88 -3.46 -26.77
CA ASP B 82 -6.74 -4.65 -25.95
C ASP B 82 -5.38 -5.33 -26.12
N ARG B 87 -10.16 -4.70 -31.71
CA ARG B 87 -11.16 -3.65 -31.53
C ARG B 87 -11.86 -3.70 -30.16
N ALA B 88 -11.21 -4.34 -29.19
CA ALA B 88 -11.56 -4.14 -27.79
C ALA B 88 -10.64 -3.06 -27.23
N TYR B 89 -11.21 -2.22 -26.36
CA TYR B 89 -10.47 -1.13 -25.74
C TYR B 89 -10.67 -1.07 -24.21
N PHE B 90 -9.62 -0.66 -23.52
CA PHE B 90 -9.68 -0.34 -22.12
C PHE B 90 -9.69 1.18 -21.97
N LEU B 91 -10.31 1.64 -20.88
CA LEU B 91 -10.17 3.02 -20.44
C LEU B 91 -8.96 3.10 -19.54
N VAL B 92 -8.06 4.04 -19.85
CA VAL B 92 -6.87 4.23 -19.03
C VAL B 92 -6.76 5.66 -18.53
N ILE B 93 -6.31 5.80 -17.29
CA ILE B 93 -6.24 7.10 -16.65
C ILE B 93 -5.02 7.88 -17.15
N THR B 94 -5.19 9.20 -17.31
CA THR B 94 -4.09 10.07 -17.63
C THR B 94 -3.44 10.62 -16.37
N ARG B 95 -2.32 11.30 -16.53
CA ARG B 95 -1.65 11.97 -15.41
C ARG B 95 -2.54 13.02 -14.74
N LYS B 96 -3.34 13.70 -15.56
CA LYS B 96 -4.31 14.67 -15.08
C LYS B 96 -5.31 13.96 -14.19
N GLY B 97 -5.80 12.82 -14.65
CA GLY B 97 -6.65 11.97 -13.85
C GLY B 97 -5.99 11.48 -12.60
N GLU B 98 -4.73 11.06 -12.70
CA GLU B 98 -3.94 10.64 -11.53
C GLU B 98 -3.82 11.69 -10.45
N GLU B 99 -3.53 12.93 -10.84
CA GLU B 99 -3.44 14.04 -9.91
C GLU B 99 -4.71 14.32 -9.14
N VAL B 100 -5.89 14.05 -9.73
CA VAL B 100 -7.18 14.19 -9.02
C VAL B 100 -7.22 13.26 -7.81
N ILE B 101 -7.02 11.95 -8.05
CA ILE B 101 -6.94 10.93 -7.01
C ILE B 101 -5.88 11.29 -5.95
N GLU B 102 -4.70 11.72 -6.41
CA GLU B 102 -3.62 12.13 -5.51
C GLU B 102 -3.94 13.33 -4.63
N LYS B 103 -4.71 14.28 -5.15
CA LYS B 103 -5.20 15.40 -4.33
C LYS B 103 -6.19 14.97 -3.26
N VAL B 104 -7.09 14.05 -3.60
CA VAL B 104 -8.06 13.49 -2.68
C VAL B 104 -7.33 12.72 -1.57
N ILE B 105 -6.40 11.85 -1.96
CA ILE B 105 -5.55 11.19 -0.95
C ILE B 105 -4.79 12.20 -0.06
N GLU B 106 -4.26 13.27 -0.65
CA GLU B 106 -3.50 14.26 0.12
C GLU B 106 -4.40 14.94 1.15
N ARG B 107 -5.62 15.29 0.73
CA ARG B 107 -6.59 15.90 1.63
C ARG B 107 -6.97 14.94 2.77
N ARG B 108 -7.13 13.67 2.47
CA ARG B 108 -7.39 12.67 3.49
C ARG B 108 -6.20 12.50 4.46
N GLU B 109 -4.99 12.36 3.89
CA GLU B 109 -3.75 12.34 4.66
C GLU B 109 -3.67 13.54 5.65
N ASN B 110 -3.95 14.74 5.15
CA ASN B 110 -3.82 15.96 5.95
C ASN B 110 -4.86 16.03 7.05
N PHE B 111 -6.02 15.45 6.79
CA PHE B 111 -7.10 15.30 7.76
C PHE B 111 -6.63 14.39 8.88
N ILE B 112 -5.99 13.30 8.50
CA ILE B 112 -5.41 12.40 9.46
C ILE B 112 -4.22 13.04 10.19
N GLU B 113 -3.42 13.86 9.52
CA GLU B 113 -2.35 14.60 10.19
C GLU B 113 -2.82 15.56 11.31
N LYS B 114 -3.93 16.29 11.10
CA LYS B 114 -4.49 17.10 12.20
C LYS B 114 -4.79 16.19 13.38
N ILE B 115 -5.39 15.03 13.08
CA ILE B 115 -5.72 14.05 14.11
C ILE B 115 -4.50 13.55 14.89
N THR B 116 -3.46 13.15 14.17
CA THR B 116 -2.21 12.67 14.79
C THR B 116 -1.55 13.77 15.62
N SER B 117 -1.84 15.04 15.28
CA SER B 117 -1.28 16.15 16.02
C SER B 117 -1.93 16.33 17.38
N ASP B 118 -3.27 16.31 17.42
CA ASP B 118 -4.01 16.47 18.69
C ASP B 118 -3.76 15.31 19.67
N LEU B 119 -3.45 14.12 19.14
CA LEU B 119 -3.22 12.93 19.95
C LEU B 119 -1.78 12.81 20.50
N GLY B 120 -0.81 13.40 19.82
CA GLY B 120 0.60 13.23 20.18
C GLY B 120 1.23 12.05 19.47
N LYS B 121 2.56 11.96 19.54
CA LYS B 121 3.31 10.98 18.74
C LYS B 121 3.24 9.53 19.23
N GLU B 122 3.29 9.36 20.55
CA GLU B 122 3.24 8.02 21.13
C GLU B 122 1.87 7.38 20.85
N LYS B 123 0.80 8.11 21.12
CA LYS B 123 -0.56 7.62 20.94
C LYS B 123 -0.90 7.38 19.46
N SER B 124 -0.44 8.27 18.59
CA SER B 124 -0.60 8.12 17.15
C SER B 124 0.00 6.80 16.65
N SER B 125 1.20 6.49 17.13
CA SER B 125 1.87 5.26 16.72
C SER B 125 1.19 3.99 17.28
N LYS B 126 0.64 4.09 18.49
CA LYS B 126 -0.11 2.98 19.08
C LYS B 126 -1.44 2.75 18.35
N ILE B 127 -2.13 3.85 18.00
CA ILE B 127 -3.37 3.77 17.22
C ILE B 127 -3.08 3.19 15.83
N LEU B 128 -2.00 3.60 15.17
CA LEU B 128 -1.62 2.95 13.91
C LEU B 128 -1.34 1.44 14.06
N ASP B 129 -0.58 1.06 15.10
CA ASP B 129 -0.33 -0.35 15.39
C ASP B 129 -1.65 -1.12 15.52
N TYR B 130 -2.61 -0.55 16.26
CA TYR B 130 -3.92 -1.20 16.46
C TYR B 130 -4.77 -1.24 15.18
N LEU B 131 -4.67 -0.20 14.35
CA LEU B 131 -5.39 -0.16 13.08
C LEU B 131 -4.87 -1.22 12.11
N LYS B 132 -3.54 -1.42 12.13
CA LYS B 132 -2.90 -2.48 11.37
C LYS B 132 -3.40 -3.84 11.81
N GLU B 133 -3.47 -4.06 13.12
CA GLU B 133 -3.98 -5.33 13.64
C GLU B 133 -5.44 -5.59 13.28
N LEU B 134 -6.28 -4.57 13.41
CA LEU B 134 -7.70 -4.64 13.01
C LEU B 134 -7.85 -4.99 11.55
N LYS B 135 -7.03 -4.32 10.71
CA LYS B 135 -7.13 -4.52 9.27
C LYS B 135 -6.77 -5.95 8.90
N GLY B 136 -5.70 -6.47 9.51
CA GLY B 136 -5.25 -7.85 9.28
C GLY B 136 -6.26 -8.89 9.73
N VAL B 137 -6.90 -8.69 10.88
CA VAL B 137 -8.01 -9.57 11.35
C VAL B 137 -9.22 -9.44 10.39
N MET B 138 -9.51 -8.23 9.95
CA MET B 138 -10.62 -8.00 9.03
C MET B 138 -10.37 -8.73 7.69
N GLU B 139 -9.16 -8.59 7.13
CA GLU B 139 -8.78 -9.18 5.85
C GLU B 139 -8.90 -10.68 5.90
N ARG B 140 -8.56 -11.27 7.04
CA ARG B 140 -8.68 -12.72 7.24
C ARG B 140 -10.13 -13.21 7.24
N ASN B 141 -11.03 -12.40 7.77
CA ASN B 141 -12.44 -12.69 7.79
C ASN B 141 -13.21 -12.27 6.54
N PHE B 142 -12.56 -11.56 5.62
CA PHE B 142 -13.24 -11.01 4.44
C PHE B 142 -13.28 -12.03 3.30
N SER B 143 -14.49 -12.47 2.93
CA SER B 143 -14.71 -13.48 1.88
C SER B 143 -14.68 -12.90 0.48
N LYS B 144 -14.27 -13.72 -0.49
CA LYS B 144 -14.20 -13.26 -1.88
C LYS B 144 -14.79 -14.29 -2.85
N LYS C 4 -0.74 -8.52 -9.73
CA LYS C 4 0.72 -8.25 -9.71
C LYS C 4 1.10 -7.09 -8.79
N GLN C 5 0.26 -6.05 -8.74
CA GLN C 5 0.59 -4.91 -7.91
C GLN C 5 0.46 -5.22 -6.43
N PRO C 6 -0.65 -5.85 -6.01
CA PRO C 6 -0.79 -6.25 -4.61
C PRO C 6 0.16 -7.37 -4.24
N PHE C 7 0.39 -8.30 -5.16
CA PHE C 7 1.40 -9.35 -4.92
C PHE C 7 2.80 -8.70 -4.69
N GLU C 8 3.23 -7.79 -5.55
CA GLU C 8 4.51 -7.09 -5.36
C GLU C 8 4.59 -6.34 -4.04
N ARG C 9 3.56 -5.57 -3.72
CA ARG C 9 3.57 -4.76 -2.49
C ARG C 9 3.62 -5.65 -1.25
N ILE C 10 2.89 -6.76 -1.26
CA ILE C 10 2.91 -7.65 -0.10
C ILE C 10 4.27 -8.33 0.09
N LEU C 11 4.90 -8.77 -1.01
CA LEU C 11 6.25 -9.32 -0.86
C LEU C 11 7.21 -8.26 -0.36
N ARG C 12 7.10 -7.01 -0.83
CA ARG C 12 7.95 -5.92 -0.36
C ARG C 12 7.92 -5.75 1.16
N GLU C 13 6.72 -5.78 1.75
CA GLU C 13 6.54 -5.59 3.20
C GLU C 13 7.01 -6.81 3.96
N ILE C 14 6.75 -8.00 3.45
CA ILE C 14 7.25 -9.22 4.10
C ILE C 14 8.79 -9.24 4.13
N CYS C 15 9.40 -8.94 3.00
CA CYS C 15 10.86 -8.97 2.88
C CYS C 15 11.50 -7.87 3.74
N PHE C 16 10.84 -6.72 3.80
CA PHE C 16 11.29 -5.59 4.60
C PHE C 16 11.39 -5.99 6.07
N MET C 17 10.33 -6.58 6.60
CA MET C 17 10.25 -6.92 8.04
C MET C 17 11.25 -8.00 8.44
N VAL C 18 11.38 -9.04 7.61
CA VAL C 18 12.39 -10.06 7.88
C VAL C 18 13.80 -9.48 7.86
N LYS C 19 14.04 -8.57 6.93
CA LYS C 19 15.35 -7.93 6.78
C LYS C 19 15.65 -7.05 8.02
N VAL C 20 14.69 -6.19 8.39
CA VAL C 20 14.86 -5.30 9.54
C VAL C 20 15.02 -6.09 10.80
N GLU C 21 14.18 -7.11 10.98
CA GLU C 21 14.26 -7.98 12.15
C GLU C 21 15.63 -8.64 12.34
N GLY C 22 16.14 -9.27 11.28
CA GLY C 22 17.42 -9.91 11.38
C GLY C 22 18.53 -8.91 11.66
N ARG C 23 18.45 -7.74 11.06
CA ARG C 23 19.52 -6.73 11.21
C ARG C 23 19.62 -6.09 12.61
N LYS C 24 18.62 -6.36 13.46
CA LYS C 24 18.64 -5.82 14.85
C LYS C 24 19.82 -6.37 15.64
N VAL C 25 20.34 -7.54 15.27
CA VAL C 25 21.56 -8.08 15.96
C VAL C 25 22.87 -7.27 15.72
N LEU C 26 22.88 -6.40 14.72
CA LEU C 26 24.09 -5.68 14.33
C LEU C 26 24.40 -4.60 15.37
N ARG C 27 23.34 -4.16 16.05
CA ARG C 27 23.41 -3.33 17.24
C ARG C 27 24.35 -3.97 18.25
N ASP C 28 24.27 -5.29 18.46
CA ASP C 28 25.12 -5.99 19.43
C ASP C 28 26.60 -5.92 19.11
N PHE C 29 26.94 -5.58 17.87
CA PHE C 29 28.31 -5.68 17.39
C PHE C 29 28.89 -4.33 17.06
N GLY C 30 28.02 -3.33 16.90
CA GLY C 30 28.41 -2.03 16.34
C GLY C 30 28.70 -2.00 14.84
N ILE C 31 28.12 -2.95 14.10
CA ILE C 31 28.38 -3.05 12.64
C ILE C 31 27.33 -2.27 11.88
N THR C 32 27.79 -1.38 11.00
CA THR C 32 26.87 -0.50 10.29
C THR C 32 26.23 -1.27 9.09
N PRO C 33 25.07 -0.78 8.59
CA PRO C 33 24.47 -1.32 7.34
C PRO C 33 25.43 -1.55 6.15
N ALA C 34 26.24 -0.57 5.79
CA ALA C 34 27.19 -0.74 4.69
C ALA C 34 28.27 -1.77 5.05
N GLN C 35 28.69 -1.80 6.31
CA GLN C 35 29.69 -2.78 6.74
C GLN C 35 29.11 -4.18 6.68
N PHE C 36 27.85 -4.31 7.07
CA PHE C 36 27.19 -5.61 7.03
C PHE C 36 26.99 -6.08 5.57
N ASP C 37 26.65 -5.16 4.69
CA ASP C 37 26.53 -5.42 3.27
C ASP C 37 27.85 -6.00 2.66
N ILE C 38 28.99 -5.46 3.11
CA ILE C 38 30.31 -6.03 2.73
C ILE C 38 30.48 -7.46 3.25
N LEU C 39 30.21 -7.66 4.53
CA LEU C 39 30.41 -8.94 5.19
C LEU C 39 29.51 -10.01 4.60
N GLN C 40 28.25 -9.63 4.38
CA GLN C 40 27.24 -10.48 3.72
C GLN C 40 27.65 -10.92 2.31
N LYS C 41 28.09 -9.99 1.50
CA LYS C 41 28.54 -10.27 0.14
C LYS C 41 29.71 -11.25 0.11
N ILE C 42 30.69 -11.05 1.00
CA ILE C 42 31.82 -11.95 1.12
C ILE C 42 31.42 -13.32 1.67
N TYR C 43 30.50 -13.33 2.65
CA TYR C 43 30.04 -14.58 3.24
C TYR C 43 29.43 -15.52 2.16
N PHE C 44 28.66 -14.95 1.26
CA PHE C 44 27.92 -15.73 0.28
C PHE C 44 28.70 -15.98 -1.02
N GLU C 45 29.55 -15.04 -1.42
CA GLU C 45 30.21 -15.10 -2.72
C GLU C 45 31.70 -15.27 -2.68
N GLY C 46 32.26 -15.19 -1.46
CA GLY C 46 33.66 -15.35 -1.22
C GLY C 46 34.47 -14.06 -1.35
N PRO C 47 35.80 -14.20 -1.53
CA PRO C 47 36.75 -13.09 -1.54
C PRO C 47 36.38 -12.01 -2.51
N LYS C 48 36.54 -10.74 -2.12
CA LYS C 48 36.20 -9.65 -3.00
C LYS C 48 37.35 -8.67 -3.08
N ARG C 49 37.55 -8.07 -4.25
CA ARG C 49 38.49 -6.98 -4.37
C ARG C 49 37.85 -5.73 -3.82
N PRO C 50 38.65 -4.84 -3.20
CA PRO C 50 38.19 -3.56 -2.71
C PRO C 50 37.37 -2.83 -3.77
N GLY C 51 37.78 -2.96 -5.04
CA GLY C 51 37.12 -2.29 -6.18
C GLY C 51 35.76 -2.91 -6.46
N GLU C 52 35.61 -4.22 -6.23
CA GLU C 52 34.32 -4.89 -6.34
C GLU C 52 33.35 -4.52 -5.20
N LEU C 53 33.88 -4.26 -4.00
CA LEU C 53 33.06 -3.74 -2.88
C LEU C 53 32.53 -2.37 -3.17
N SER C 54 33.34 -1.54 -3.82
CA SER C 54 32.99 -0.18 -4.23
C SER C 54 31.82 -0.15 -5.24
N VAL C 55 31.91 -1.04 -6.23
CA VAL C 55 30.79 -1.26 -7.19
C VAL C 55 29.54 -1.82 -6.52
N LEU C 56 29.72 -2.77 -5.61
CA LEU C 56 28.59 -3.38 -4.91
C LEU C 56 27.79 -2.40 -4.09
N LEU C 57 28.49 -1.61 -3.27
CA LEU C 57 27.85 -0.66 -2.40
C LEU C 57 27.41 0.55 -3.14
N GLY C 58 28.07 0.83 -4.27
CA GLY C 58 27.91 2.09 -5.00
C GLY C 58 28.49 3.30 -4.32
N VAL C 59 29.57 3.11 -3.57
CA VAL C 59 30.29 4.23 -2.87
C VAL C 59 31.75 4.26 -3.34
N ALA C 60 32.39 5.41 -3.19
CA ALA C 60 33.76 5.61 -3.66
C ALA C 60 34.70 4.72 -2.92
N LYS C 61 35.87 4.55 -3.51
CA LYS C 61 36.89 3.70 -2.92
CA LYS C 61 36.94 3.73 -2.94
C LYS C 61 37.29 4.16 -1.52
N SER C 62 37.32 5.48 -1.31
CA SER C 62 37.68 6.05 -0.02
C SER C 62 36.72 5.61 1.07
N THR C 63 35.43 5.51 0.73
CA THR C 63 34.41 5.06 1.69
C THR C 63 34.63 3.60 2.05
N VAL C 64 34.86 2.77 1.02
CA VAL C 64 35.14 1.37 1.23
C VAL C 64 36.34 1.18 2.13
N THR C 65 37.41 1.93 1.87
CA THR C 65 38.64 1.89 2.69
C THR C 65 38.30 2.12 4.15
N GLY C 66 37.53 3.16 4.42
CA GLY C 66 37.00 3.36 5.79
C GLY C 66 36.26 2.21 6.44
N LEU C 67 35.26 1.65 5.73
CA LEU C 67 34.45 0.55 6.25
C LEU C 67 35.27 -0.72 6.53
N VAL C 68 36.10 -1.09 5.55
CA VAL C 68 36.93 -2.32 5.64
C VAL C 68 38.03 -2.23 6.70
N LYS C 69 38.71 -1.09 6.77
CA LYS C 69 39.71 -0.85 7.81
CA LYS C 69 39.70 -0.79 7.83
C LYS C 69 39.19 -1.16 9.22
N ARG C 70 37.96 -0.73 9.53
CA ARG C 70 37.34 -1.00 10.84
C ARG C 70 37.04 -2.47 10.98
N LEU C 71 36.45 -3.06 9.94
CA LEU C 71 36.16 -4.50 9.92
C LEU C 71 37.42 -5.36 10.12
N GLU C 72 38.50 -4.98 9.45
CA GLU C 72 39.85 -5.62 9.60
C GLU C 72 40.41 -5.49 11.02
N ALA C 73 40.44 -4.26 11.52
CA ALA C 73 41.00 -3.99 12.86
C ALA C 73 40.15 -4.72 13.90
N ASP C 74 38.83 -4.79 13.68
CA ASP C 74 37.96 -5.45 14.67
C ASP C 74 37.86 -6.99 14.56
N GLY C 75 38.55 -7.55 13.59
CA GLY C 75 38.63 -9.01 13.38
C GLY C 75 37.51 -9.66 12.59
N TYR C 76 36.74 -8.87 11.82
CA TYR C 76 35.62 -9.43 11.00
C TYR C 76 36.05 -9.81 9.60
N LEU C 77 37.05 -9.09 9.08
CA LEU C 77 37.67 -9.34 7.78
C LEU C 77 39.18 -9.46 7.91
N THR C 78 39.79 -10.06 6.89
CA THR C 78 41.20 -10.12 6.75
C THR C 78 41.49 -10.07 5.25
N ARG C 79 42.75 -10.15 4.88
CA ARG C 79 43.20 -9.97 3.52
C ARG C 79 43.98 -11.19 3.07
N THR C 80 43.99 -11.39 1.76
CA THR C 80 44.85 -12.40 1.18
C THR C 80 45.33 -11.87 -0.15
N PRO C 81 46.60 -12.16 -0.52
CA PRO C 81 47.09 -11.54 -1.74
C PRO C 81 46.45 -12.14 -2.99
N ASP C 82 46.47 -11.36 -4.07
CA ASP C 82 46.11 -11.84 -5.38
C ASP C 82 47.36 -12.58 -5.94
N PRO C 83 47.30 -13.92 -6.08
CA PRO C 83 48.43 -14.71 -6.62
C PRO C 83 48.84 -14.31 -8.05
N ALA C 84 47.96 -13.66 -8.80
CA ALA C 84 48.31 -13.17 -10.15
C ALA C 84 48.82 -11.71 -10.19
N ASP C 85 48.84 -11.00 -9.06
CA ASP C 85 49.17 -9.57 -9.10
C ASP C 85 49.71 -9.18 -7.71
N ARG C 86 51.02 -8.93 -7.65
CA ARG C 86 51.69 -8.59 -6.38
C ARG C 86 51.13 -7.36 -5.72
N ARG C 87 50.48 -6.51 -6.50
CA ARG C 87 49.95 -5.24 -6.05
C ARG C 87 48.51 -5.28 -5.52
N ALA C 88 47.73 -6.30 -5.90
CA ALA C 88 46.31 -6.40 -5.53
C ALA C 88 46.06 -7.39 -4.38
N TYR C 89 44.86 -7.33 -3.78
CA TYR C 89 44.52 -8.27 -2.69
C TYR C 89 43.00 -8.46 -2.63
N PHE C 90 42.59 -9.45 -1.84
CA PHE C 90 41.18 -9.78 -1.65
C PHE C 90 40.89 -9.66 -0.20
N LEU C 91 39.67 -9.21 0.11
CA LEU C 91 39.15 -9.28 1.47
C LEU C 91 38.42 -10.57 1.68
N VAL C 92 38.76 -11.29 2.75
CA VAL C 92 38.10 -12.52 3.09
C VAL C 92 37.52 -12.44 4.52
N ILE C 93 36.51 -13.26 4.77
CA ILE C 93 35.79 -13.25 6.04
C ILE C 93 36.47 -14.17 7.04
N THR C 94 36.44 -13.78 8.32
CA THR C 94 36.99 -14.58 9.40
C THR C 94 35.87 -15.39 10.03
N ARG C 95 36.21 -16.27 10.95
CA ARG C 95 35.21 -16.96 11.72
C ARG C 95 34.30 -16.01 12.50
N LYS C 96 34.90 -14.98 13.09
CA LYS C 96 34.15 -13.97 13.79
C LYS C 96 33.21 -13.19 12.87
N GLY C 97 33.67 -12.85 11.66
CA GLY C 97 32.80 -12.25 10.64
C GLY C 97 31.62 -13.15 10.29
N GLU C 98 31.86 -14.47 10.19
CA GLU C 98 30.84 -15.47 9.83
C GLU C 98 29.79 -15.56 10.94
N GLU C 99 30.26 -15.44 12.18
CA GLU C 99 29.38 -15.55 13.34
C GLU C 99 28.33 -14.42 13.37
N VAL C 100 28.68 -13.28 12.79
CA VAL C 100 27.77 -12.14 12.64
C VAL C 100 26.59 -12.53 11.71
N ILE C 101 26.89 -13.02 10.51
CA ILE C 101 25.88 -13.46 9.55
C ILE C 101 25.03 -14.55 10.16
N GLU C 102 25.68 -15.49 10.86
CA GLU C 102 25.00 -16.63 11.42
C GLU C 102 23.99 -16.16 12.47
N LYS C 103 24.36 -15.12 13.22
CA LYS C 103 23.45 -14.53 14.20
C LYS C 103 22.29 -13.76 13.59
N VAL C 104 22.55 -13.08 12.47
CA VAL C 104 21.48 -12.44 11.73
C VAL C 104 20.47 -13.52 11.23
N ILE C 105 21.01 -14.60 10.67
CA ILE C 105 20.18 -15.73 10.16
C ILE C 105 19.37 -16.37 11.29
N GLU C 106 20.07 -16.67 12.38
CA GLU C 106 19.48 -17.21 13.60
C GLU C 106 18.29 -16.35 14.08
N ARG C 107 18.47 -15.02 14.09
CA ARG C 107 17.38 -14.11 14.50
C ARG C 107 16.17 -14.15 13.52
N ARG C 108 16.46 -14.17 12.21
CA ARG C 108 15.43 -14.37 11.20
C ARG C 108 14.65 -15.69 11.37
N GLU C 109 15.38 -16.77 11.68
CA GLU C 109 14.76 -18.09 11.94
C GLU C 109 13.85 -18.04 13.16
N ASN C 110 14.30 -17.41 14.24
CA ASN C 110 13.47 -17.28 15.46
C ASN C 110 12.19 -16.40 15.24
N PHE C 111 12.32 -15.34 14.46
CA PHE C 111 11.20 -14.50 14.01
C PHE C 111 10.18 -15.37 13.26
N ILE C 112 10.66 -16.11 12.26
CA ILE C 112 9.80 -16.94 11.45
C ILE C 112 9.18 -18.09 12.28
N GLU C 113 9.91 -18.62 13.25
CA GLU C 113 9.36 -19.63 14.16
C GLU C 113 8.15 -19.10 14.99
N LYS C 114 8.22 -17.85 15.46
CA LYS C 114 7.10 -17.21 16.17
C LYS C 114 5.91 -17.12 15.23
N ILE C 115 6.20 -16.74 13.99
CA ILE C 115 5.16 -16.49 12.99
C ILE C 115 4.49 -17.81 12.60
N THR C 116 5.30 -18.83 12.28
CA THR C 116 4.78 -20.16 11.95
C THR C 116 4.08 -20.80 13.16
N SER C 117 4.55 -20.51 14.37
CA SER C 117 3.84 -20.93 15.57
C SER C 117 2.42 -20.34 15.68
N ASP C 118 2.27 -19.04 15.39
CA ASP C 118 0.95 -18.38 15.39
C ASP C 118 0.03 -18.93 14.29
N LEU C 119 0.59 -19.15 13.10
CA LEU C 119 -0.17 -19.67 11.97
C LEU C 119 -0.72 -21.07 12.21
N GLY C 120 0.02 -21.85 12.97
CA GLY C 120 -0.33 -23.25 13.22
C GLY C 120 0.37 -24.12 12.19
N LYS C 121 0.55 -25.39 12.56
CA LYS C 121 1.26 -26.37 11.75
C LYS C 121 0.71 -26.52 10.35
N GLU C 122 -0.61 -26.62 10.17
CA GLU C 122 -1.15 -26.89 8.82
C GLU C 122 -1.16 -25.68 7.88
N LYS C 123 -1.50 -24.51 8.41
CA LYS C 123 -1.33 -23.28 7.66
C LYS C 123 0.14 -23.08 7.24
N SER C 124 1.08 -23.33 8.15
CA SER C 124 2.52 -23.15 7.87
C SER C 124 3.02 -24.05 6.75
N SER C 125 2.59 -25.32 6.78
CA SER C 125 2.89 -26.29 5.73
C SER C 125 2.39 -25.83 4.37
N LYS C 126 1.11 -25.41 4.30
CA LYS C 126 0.52 -24.91 3.07
C LYS C 126 1.26 -23.68 2.53
N ILE C 127 1.54 -22.71 3.40
CA ILE C 127 2.30 -21.52 3.02
C ILE C 127 3.70 -21.91 2.53
N LEU C 128 4.39 -22.76 3.29
CA LEU C 128 5.68 -23.28 2.85
C LEU C 128 5.65 -23.97 1.47
N ASP C 129 4.65 -24.82 1.23
CA ASP C 129 4.51 -25.42 -0.10
C ASP C 129 4.27 -24.36 -1.17
N TYR C 130 3.52 -23.32 -0.84
CA TYR C 130 3.32 -22.24 -1.79
C TYR C 130 4.59 -21.44 -2.06
N LEU C 131 5.35 -21.18 -1.01
CA LEU C 131 6.63 -20.44 -1.13
C LEU C 131 7.62 -21.26 -1.96
N LYS C 132 7.66 -22.57 -1.73
CA LYS C 132 8.44 -23.47 -2.62
C LYS C 132 8.00 -23.34 -4.08
N GLU C 133 6.69 -23.38 -4.33
CA GLU C 133 6.21 -23.19 -5.70
C GLU C 133 6.61 -21.85 -6.26
N LEU C 134 6.46 -20.82 -5.45
CA LEU C 134 6.92 -19.47 -5.80
C LEU C 134 8.42 -19.35 -6.09
N LYS C 135 9.27 -19.91 -5.22
CA LYS C 135 10.72 -19.90 -5.42
C LYS C 135 11.07 -20.60 -6.76
N GLY C 136 10.42 -21.73 -7.01
CA GLY C 136 10.59 -22.44 -8.27
C GLY C 136 10.38 -21.57 -9.50
N VAL C 137 9.20 -20.99 -9.62
CA VAL C 137 8.83 -20.18 -10.79
C VAL C 137 9.73 -18.96 -10.93
N MET C 138 10.12 -18.36 -9.78
CA MET C 138 11.11 -17.27 -9.79
C MET C 138 12.47 -17.75 -10.34
N GLU C 139 12.89 -18.93 -9.93
CA GLU C 139 14.18 -19.43 -10.39
C GLU C 139 14.19 -19.61 -11.90
N ARG C 140 13.05 -20.08 -12.44
CA ARG C 140 12.90 -20.38 -13.86
C ARG C 140 12.86 -19.13 -14.69
N ASN C 141 12.72 -17.99 -14.02
CA ASN C 141 12.57 -16.72 -14.73
C ASN C 141 13.69 -15.70 -14.44
N PHE C 142 14.60 -16.07 -13.55
CA PHE C 142 15.64 -15.16 -13.04
C PHE C 142 16.70 -14.70 -14.05
N SER C 143 16.85 -15.43 -15.16
CA SER C 143 17.93 -15.09 -16.11
C SER C 143 17.60 -13.93 -17.09
N LYS C 144 16.34 -13.55 -17.15
CA LYS C 144 15.89 -12.50 -18.09
C LYS C 144 16.64 -11.18 -17.82
N GLN C 145 17.11 -10.53 -18.89
CA GLN C 145 17.93 -9.34 -18.74
C GLN C 145 17.10 -8.09 -19.04
N LYS D 4 11.01 -23.13 10.49
CA LYS D 4 11.78 -21.84 10.55
C LYS D 4 13.01 -21.95 9.68
N GLN D 5 13.75 -23.05 9.88
CA GLN D 5 14.95 -23.38 9.11
C GLN D 5 14.72 -23.33 7.61
N PRO D 6 13.89 -24.27 7.08
CA PRO D 6 13.63 -24.23 5.63
C PRO D 6 12.82 -22.99 5.28
N PHE D 7 11.84 -22.65 6.10
CA PHE D 7 10.98 -21.50 5.85
C PHE D 7 11.85 -20.24 5.65
N GLU D 8 12.80 -20.01 6.56
CA GLU D 8 13.64 -18.81 6.44
C GLU D 8 14.44 -18.78 5.13
N ARG D 9 15.05 -19.90 4.80
CA ARG D 9 15.93 -19.97 3.60
C ARG D 9 15.16 -19.72 2.31
N ILE D 10 14.01 -20.38 2.17
CA ILE D 10 13.16 -20.21 1.00
C ILE D 10 12.70 -18.77 0.87
N LEU D 11 12.21 -18.18 1.97
CA LEU D 11 11.80 -16.76 1.91
C LEU D 11 12.99 -15.83 1.57
N ARG D 12 14.15 -16.12 2.17
CA ARG D 12 15.37 -15.38 1.86
C ARG D 12 15.67 -15.43 0.34
N GLU D 13 15.49 -16.59 -0.31
CA GLU D 13 15.80 -16.67 -1.77
C GLU D 13 14.80 -15.89 -2.62
N ILE D 14 13.52 -15.96 -2.23
CA ILE D 14 12.44 -15.22 -2.89
C ILE D 14 12.71 -13.70 -2.84
N CYS D 15 12.91 -13.20 -1.63
CA CYS D 15 13.29 -11.78 -1.36
C CYS D 15 14.55 -11.35 -2.12
N PHE D 16 15.59 -12.16 -2.07
CA PHE D 16 16.79 -11.90 -2.90
C PHE D 16 16.49 -11.81 -4.39
N MET D 17 15.72 -12.75 -4.94
CA MET D 17 15.42 -12.68 -6.38
C MET D 17 14.56 -11.46 -6.77
N VAL D 18 13.54 -11.13 -5.96
CA VAL D 18 12.73 -9.97 -6.37
C VAL D 18 13.52 -8.67 -6.30
N LYS D 19 14.41 -8.59 -5.33
CA LYS D 19 15.25 -7.41 -5.14
C LYS D 19 16.16 -7.20 -6.34
N VAL D 20 16.93 -8.24 -6.65
CA VAL D 20 17.88 -8.18 -7.78
C VAL D 20 17.13 -7.93 -9.09
N GLU D 21 16.01 -8.63 -9.28
CA GLU D 21 15.21 -8.41 -10.50
C GLU D 21 14.85 -6.94 -10.73
N GLY D 22 14.27 -6.29 -9.71
CA GLY D 22 13.94 -4.90 -9.83
C GLY D 22 15.12 -4.00 -10.12
N ARG D 23 16.24 -4.28 -9.45
CA ARG D 23 17.44 -3.45 -9.57
C ARG D 23 18.17 -3.64 -10.91
N LYS D 24 17.69 -4.56 -11.74
CA LYS D 24 18.25 -4.73 -13.09
C LYS D 24 18.00 -3.48 -13.91
N VAL D 25 16.94 -2.73 -13.59
CA VAL D 25 16.65 -1.50 -14.35
C VAL D 25 17.70 -0.39 -14.12
N LEU D 26 18.42 -0.47 -13.02
CA LEU D 26 19.39 0.57 -12.62
C LEU D 26 20.60 0.59 -13.56
N ARG D 27 20.74 -0.49 -14.32
CA ARG D 27 21.78 -0.64 -15.33
C ARG D 27 21.69 0.49 -16.36
N ASP D 28 20.48 0.86 -16.74
CA ASP D 28 20.29 1.88 -17.77
C ASP D 28 20.34 3.32 -17.24
N PHE D 29 20.47 3.51 -15.94
CA PHE D 29 20.49 4.86 -15.32
C PHE D 29 21.87 5.34 -14.84
N GLY D 30 22.75 4.40 -14.50
CA GLY D 30 24.01 4.75 -13.87
C GLY D 30 23.80 5.33 -12.47
N ILE D 31 22.70 4.95 -11.84
CA ILE D 31 22.45 5.20 -10.44
C ILE D 31 23.01 4.02 -9.68
N THR D 32 23.84 4.28 -8.68
CA THR D 32 24.42 3.20 -7.90
C THR D 32 23.48 2.69 -6.79
N PRO D 33 23.80 1.52 -6.23
CA PRO D 33 23.02 0.93 -5.17
C PRO D 33 22.75 1.88 -3.99
N ALA D 34 23.79 2.51 -3.47
CA ALA D 34 23.65 3.46 -2.37
C ALA D 34 22.80 4.66 -2.79
N GLN D 35 23.00 5.20 -3.99
CA GLN D 35 22.16 6.27 -4.50
C GLN D 35 20.71 5.86 -4.62
N PHE D 36 20.47 4.61 -5.02
CA PHE D 36 19.10 4.15 -5.16
C PHE D 36 18.45 4.00 -3.78
N ASP D 37 19.21 3.53 -2.78
CA ASP D 37 18.70 3.39 -1.43
C ASP D 37 18.23 4.72 -0.88
N ILE D 38 19.01 5.78 -1.12
CA ILE D 38 18.62 7.18 -0.80
C ILE D 38 17.31 7.60 -1.52
N LEU D 39 17.28 7.47 -2.84
CA LEU D 39 16.08 7.78 -3.63
C LEU D 39 14.82 7.04 -3.15
N GLN D 40 14.98 5.76 -2.91
CA GLN D 40 13.91 4.91 -2.41
C GLN D 40 13.40 5.30 -1.00
N LYS D 41 14.30 5.67 -0.09
CA LYS D 41 13.90 6.09 1.26
CA LYS D 41 13.88 6.07 1.25
C LYS D 41 13.03 7.35 1.18
N ILE D 42 13.46 8.30 0.36
CA ILE D 42 12.79 9.58 0.19
C ILE D 42 11.43 9.45 -0.50
N TYR D 43 11.40 8.62 -1.54
CA TYR D 43 10.18 8.30 -2.28
C TYR D 43 9.10 7.83 -1.31
N PHE D 44 9.48 6.93 -0.41
CA PHE D 44 8.53 6.29 0.52
C PHE D 44 8.24 7.07 1.82
N GLU D 45 9.10 8.02 2.17
CA GLU D 45 9.00 8.70 3.47
C GLU D 45 8.82 10.21 3.39
N GLY D 46 9.10 10.76 2.21
CA GLY D 46 9.08 12.21 2.01
C GLY D 46 10.48 12.76 2.22
N PRO D 47 10.64 14.10 2.13
CA PRO D 47 11.92 14.80 2.37
C PRO D 47 12.69 14.27 3.58
N LYS D 48 14.01 14.15 3.44
CA LYS D 48 14.81 13.55 4.51
C LYS D 48 15.98 14.45 4.84
N ARG D 49 16.38 14.43 6.11
CA ARG D 49 17.57 15.13 6.56
C ARG D 49 18.82 14.26 6.26
N PRO D 50 19.97 14.88 5.99
CA PRO D 50 21.24 14.17 5.80
C PRO D 50 21.52 13.09 6.85
N GLY D 51 21.20 13.35 8.12
CA GLY D 51 21.46 12.38 9.21
C GLY D 51 20.65 11.10 9.09
N GLU D 52 19.41 11.23 8.63
CA GLU D 52 18.57 10.06 8.36
C GLU D 52 19.17 9.23 7.22
N LEU D 53 19.77 9.86 6.22
CA LEU D 53 20.42 9.08 5.14
C LEU D 53 21.72 8.40 5.58
N SER D 54 22.45 9.03 6.50
CA SER D 54 23.67 8.44 7.05
C SER D 54 23.38 7.21 7.91
N VAL D 55 22.29 7.28 8.67
CA VAL D 55 21.78 6.14 9.43
C VAL D 55 21.38 5.00 8.48
N LEU D 56 20.63 5.33 7.42
CA LEU D 56 20.16 4.32 6.46
C LEU D 56 21.34 3.53 5.86
N LEU D 57 22.32 4.25 5.31
CA LEU D 57 23.49 3.64 4.64
C LEU D 57 24.55 3.13 5.63
N GLY D 58 24.62 3.72 6.82
CA GLY D 58 25.63 3.36 7.81
C GLY D 58 27.00 3.90 7.42
N VAL D 59 27.01 5.13 6.93
CA VAL D 59 28.25 5.75 6.44
C VAL D 59 28.38 7.09 7.09
N ALA D 60 29.54 7.71 6.91
CA ALA D 60 29.82 9.06 7.39
C ALA D 60 29.01 10.08 6.59
N LYS D 61 28.69 11.20 7.23
CA LYS D 61 27.98 12.30 6.56
C LYS D 61 28.74 12.72 5.31
N SER D 62 30.07 12.62 5.32
CA SER D 62 30.85 12.98 4.12
C SER D 62 30.50 12.11 2.90
N THR D 63 30.27 10.82 3.09
CA THR D 63 29.85 9.92 1.99
C THR D 63 28.47 10.36 1.50
N VAL D 64 27.56 10.64 2.43
CA VAL D 64 26.21 11.10 2.09
C VAL D 64 26.21 12.39 1.28
N THR D 65 27.01 13.36 1.72
CA THR D 65 27.07 14.66 1.07
C THR D 65 27.44 14.48 -0.39
N GLY D 66 28.47 13.67 -0.62
CA GLY D 66 28.94 13.33 -1.96
C GLY D 66 27.93 12.62 -2.86
N LEU D 67 27.26 11.60 -2.31
CA LEU D 67 26.15 10.90 -3.01
C LEU D 67 25.00 11.84 -3.38
N VAL D 68 24.64 12.71 -2.44
CA VAL D 68 23.53 13.64 -2.62
C VAL D 68 23.90 14.72 -3.66
N LYS D 69 25.12 15.27 -3.54
CA LYS D 69 25.67 16.22 -4.52
C LYS D 69 25.49 15.77 -5.99
N ARG D 70 25.84 14.52 -6.25
CA ARG D 70 25.72 13.94 -7.58
CA ARG D 70 25.71 13.93 -7.58
C ARG D 70 24.25 13.80 -8.01
N LEU D 71 23.40 13.31 -7.12
CA LEU D 71 21.97 13.14 -7.40
C LEU D 71 21.33 14.49 -7.70
N GLU D 72 21.75 15.52 -6.95
CA GLU D 72 21.31 16.90 -7.16
C GLU D 72 21.76 17.42 -8.51
N ALA D 73 23.02 17.13 -8.85
CA ALA D 73 23.59 17.58 -10.10
C ALA D 73 22.88 16.88 -11.26
N ASP D 74 22.51 15.62 -11.07
CA ASP D 74 21.85 14.82 -12.13
C ASP D 74 20.34 15.01 -12.25
N GLY D 75 19.73 15.73 -11.32
CA GLY D 75 18.30 16.09 -11.40
C GLY D 75 17.36 15.18 -10.65
N TYR D 76 17.92 14.29 -9.83
CA TYR D 76 17.14 13.31 -9.07
C TYR D 76 16.62 13.80 -7.72
N LEU D 77 17.36 14.73 -7.13
CA LEU D 77 17.03 15.28 -5.81
C LEU D 77 17.15 16.79 -5.84
N THR D 78 16.39 17.42 -4.95
CA THR D 78 16.47 18.85 -4.75
C THR D 78 16.42 19.14 -3.24
N ARG D 79 16.49 20.41 -2.84
CA ARG D 79 16.55 20.76 -1.43
C ARG D 79 15.40 21.67 -1.00
N THR D 80 14.85 21.41 0.19
CA THR D 80 13.96 22.35 0.85
C THR D 80 14.79 23.09 1.91
N PRO D 81 14.56 24.41 2.07
CA PRO D 81 14.95 25.01 3.35
C PRO D 81 14.09 24.43 4.48
N ASP D 82 14.70 24.20 5.64
CA ASP D 82 14.03 23.58 6.79
C ASP D 82 12.62 24.15 7.07
N ARG D 87 20.09 27.74 8.36
CA ARG D 87 20.62 26.89 7.30
C ARG D 87 20.60 25.41 7.69
N ALA D 88 19.40 24.82 7.63
CA ALA D 88 19.18 23.40 7.73
C ALA D 88 18.26 23.04 6.57
N TYR D 89 18.36 21.80 6.07
CA TYR D 89 17.64 21.43 4.85
C TYR D 89 17.24 19.97 4.80
N PHE D 90 16.21 19.70 3.99
CA PHE D 90 15.77 18.36 3.66
C PHE D 90 16.17 18.03 2.22
N LEU D 91 16.18 16.74 1.89
CA LEU D 91 16.41 16.35 0.49
C LEU D 91 15.12 15.80 -0.06
N VAL D 92 14.70 16.36 -1.17
CA VAL D 92 13.38 16.07 -1.74
C VAL D 92 13.51 15.55 -3.17
N ILE D 93 12.90 14.40 -3.42
CA ILE D 93 12.92 13.72 -4.71
C ILE D 93 12.18 14.53 -5.78
N THR D 94 12.69 14.49 -6.98
CA THR D 94 12.08 15.14 -8.14
C THR D 94 11.28 14.09 -8.89
N ARG D 95 10.48 14.55 -9.86
CA ARG D 95 9.70 13.67 -10.71
C ARG D 95 10.57 12.63 -11.43
N LYS D 96 11.78 13.04 -11.79
CA LYS D 96 12.75 12.21 -12.51
C LYS D 96 13.26 11.16 -11.55
N GLY D 97 13.53 11.57 -10.30
CA GLY D 97 13.82 10.62 -9.25
C GLY D 97 12.70 9.60 -9.06
N GLU D 98 11.47 10.10 -9.06
CA GLU D 98 10.28 9.25 -8.88
C GLU D 98 10.10 8.21 -9.97
N GLU D 99 10.46 8.55 -11.20
CA GLU D 99 10.32 7.65 -12.33
C GLU D 99 11.30 6.48 -12.22
N VAL D 100 12.45 6.73 -11.59
CA VAL D 100 13.48 5.72 -11.31
C VAL D 100 12.95 4.58 -10.42
N ILE D 101 12.33 4.94 -9.29
CA ILE D 101 11.69 3.98 -8.37
C ILE D 101 10.51 3.24 -9.05
N GLU D 102 9.68 3.99 -9.76
CA GLU D 102 8.54 3.43 -10.46
C GLU D 102 8.95 2.47 -11.57
N LYS D 103 10.06 2.75 -12.24
CA LYS D 103 10.62 1.75 -13.19
C LYS D 103 10.98 0.44 -12.50
N VAL D 104 11.63 0.55 -11.33
CA VAL D 104 12.04 -0.60 -10.52
C VAL D 104 10.82 -1.36 -10.03
N ILE D 105 9.82 -0.64 -9.54
CA ILE D 105 8.57 -1.29 -9.13
C ILE D 105 7.90 -2.00 -10.33
N GLU D 106 7.84 -1.34 -11.46
CA GLU D 106 7.23 -1.90 -12.64
C GLU D 106 7.93 -3.19 -13.07
N ARG D 107 9.25 -3.20 -12.97
CA ARG D 107 10.01 -4.42 -13.32
C ARG D 107 9.76 -5.58 -12.35
N ARG D 108 9.66 -5.27 -11.06
CA ARG D 108 9.33 -6.29 -10.06
C ARG D 108 7.89 -6.83 -10.30
N GLU D 109 6.97 -5.91 -10.61
CA GLU D 109 5.57 -6.25 -10.91
C GLU D 109 5.52 -7.13 -12.19
N ASN D 110 6.30 -6.76 -13.22
CA ASN D 110 6.32 -7.57 -14.46
C ASN D 110 6.90 -8.95 -14.24
N PHE D 111 7.80 -9.07 -13.25
CA PHE D 111 8.39 -10.34 -12.83
C PHE D 111 7.31 -11.15 -12.14
N ILE D 112 6.54 -10.51 -11.28
CA ILE D 112 5.45 -11.21 -10.62
C ILE D 112 4.37 -11.63 -11.64
N GLU D 113 4.15 -10.82 -12.67
CA GLU D 113 3.15 -11.10 -13.73
C GLU D 113 3.50 -12.38 -14.46
N LYS D 114 4.76 -12.50 -14.87
N LYS D 114 4.76 -12.52 -14.88
CA LYS D 114 5.29 -13.69 -15.54
CA LYS D 114 5.21 -13.74 -15.57
C LYS D 114 5.10 -14.93 -14.65
C LYS D 114 5.04 -14.94 -14.62
N ILE D 115 5.46 -14.78 -13.37
CA ILE D 115 5.38 -15.86 -12.39
C ILE D 115 3.93 -16.29 -12.12
N THR D 116 3.03 -15.32 -11.96
CA THR D 116 1.63 -15.63 -11.70
C THR D 116 0.94 -16.23 -12.92
N SER D 117 1.38 -15.82 -14.11
CA SER D 117 0.96 -16.42 -15.36
C SER D 117 1.29 -17.92 -15.46
N ASP D 118 2.52 -18.29 -15.09
CA ASP D 118 2.97 -19.70 -15.11
C ASP D 118 2.19 -20.56 -14.13
N LEU D 119 1.84 -19.98 -12.97
CA LEU D 119 1.14 -20.71 -11.91
C LEU D 119 -0.33 -20.91 -12.22
N GLY D 120 -0.91 -19.95 -12.93
CA GLY D 120 -2.33 -19.92 -13.21
C GLY D 120 -3.06 -19.00 -12.26
N LYS D 121 -4.26 -18.58 -12.67
CA LYS D 121 -5.10 -17.62 -11.97
C LYS D 121 -5.54 -18.09 -10.60
N GLU D 122 -5.91 -19.37 -10.53
CA GLU D 122 -6.45 -19.92 -9.30
C GLU D 122 -5.34 -20.05 -8.26
N LYS D 123 -4.21 -20.63 -8.67
CA LYS D 123 -3.01 -20.66 -7.83
C LYS D 123 -2.63 -19.24 -7.40
N SER D 124 -2.57 -18.32 -8.34
CA SER D 124 -2.05 -16.98 -8.06
C SER D 124 -2.89 -16.35 -6.95
N SER D 125 -4.21 -16.45 -7.11
CA SER D 125 -5.14 -15.89 -6.15
C SER D 125 -5.01 -16.53 -4.77
N LYS D 126 -4.83 -17.84 -4.71
CA LYS D 126 -4.59 -18.57 -3.46
C LYS D 126 -3.27 -18.20 -2.76
N ILE D 127 -2.18 -18.21 -3.52
CA ILE D 127 -0.88 -17.80 -2.99
C ILE D 127 -0.98 -16.38 -2.41
N LEU D 128 -1.68 -15.47 -3.11
CA LEU D 128 -1.79 -14.08 -2.66
C LEU D 128 -2.51 -14.04 -1.32
N ASP D 129 -3.57 -14.87 -1.20
CA ASP D 129 -4.41 -14.87 0.01
C ASP D 129 -3.55 -15.26 1.22
N TYR D 130 -2.73 -16.30 1.04
CA TYR D 130 -1.86 -16.80 2.10
C TYR D 130 -0.69 -15.88 2.39
N LEU D 131 -0.25 -15.12 1.38
CA LEU D 131 0.84 -14.14 1.56
C LEU D 131 0.38 -12.99 2.44
N LYS D 132 -0.89 -12.60 2.25
CA LYS D 132 -1.56 -11.57 3.05
C LYS D 132 -1.63 -11.99 4.49
N GLU D 133 -1.94 -13.27 4.72
CA GLU D 133 -2.08 -13.77 6.06
C GLU D 133 -0.71 -13.87 6.72
N LEU D 134 0.29 -14.31 5.96
CA LEU D 134 1.66 -14.33 6.48
C LEU D 134 2.12 -12.95 6.88
N LYS D 135 1.81 -11.96 6.04
CA LYS D 135 2.27 -10.61 6.26
C LYS D 135 1.61 -10.03 7.51
N GLY D 136 0.32 -10.32 7.69
CA GLY D 136 -0.46 -9.87 8.87
C GLY D 136 0.09 -10.44 10.17
N VAL D 137 0.38 -11.74 10.19
CA VAL D 137 0.97 -12.40 11.38
C VAL D 137 2.41 -11.89 11.65
N MET D 138 3.17 -11.72 10.59
CA MET D 138 4.54 -11.21 10.72
C MET D 138 4.51 -9.77 11.29
N GLU D 139 3.62 -8.94 10.74
CA GLU D 139 3.39 -7.58 11.22
C GLU D 139 3.05 -7.55 12.71
N ARG D 140 2.14 -8.43 13.14
CA ARG D 140 1.74 -8.52 14.55
C ARG D 140 2.92 -8.87 15.46
N ASN D 141 3.85 -9.67 14.94
CA ASN D 141 5.04 -10.11 15.67
C ASN D 141 6.25 -9.17 15.56
N PHE D 142 6.21 -8.20 14.64
CA PHE D 142 7.34 -7.31 14.35
C PHE D 142 7.38 -6.06 15.26
N SER D 143 8.40 -5.97 16.12
CA SER D 143 8.55 -4.84 17.09
C SER D 143 9.31 -3.64 16.53
N LYS D 144 9.13 -2.47 17.17
CA LYS D 144 9.96 -1.26 16.94
C LYS D 144 9.98 -0.36 18.17
#